data_4D5P
#
_entry.id   4D5P
#
_cell.length_a   83.082
_cell.length_b   83.353
_cell.length_c   110.350
_cell.angle_alpha   90.00
_cell.angle_beta   90.00
_cell.angle_gamma   90.00
#
_symmetry.space_group_name_H-M   'I 2 2 2'
#
loop_
_entity.id
_entity.type
_entity.pdbx_description
1 polymer 'CELLULOSE 1,4-BETA-CELLOBIOSIDASE'
2 branched beta-D-xylopyranose-(1-4)-beta-D-xylopyranose-(1-4)-beta-D-xylopyranose-(1-4)-beta-D-xylopyranose
3 non-polymer 'COBALT (II) ION'
4 non-polymer 2-acetamido-2-deoxy-beta-D-glucopyranose
5 water water
#
_entity_poly.entity_id   1
_entity_poly.type   'polypeptide(L)'
_entity_poly.pdbx_seq_one_letter_code
;(PCA)SACTLQSETHPPLTWQKCSSGGTCTQQTGSVVIDANWRWTHATNSSTNCYDGNTWSSTLCPDNETCAKNCCLDGA
AYASTYGVTTSGNSLSIDFVTQSAQKNVGARLYLMASDTTYQEFTLLGNEFSFDVDVSQLPCGLNGALYFVSMDADGGVS
KYPTNTAGAKYGTGYCDSQCPRDLKFINGQANVEGWEPSSNNANTGIGGHGSCCSEMDIWQANSISEALTPHPCTTVGQE
ICEGDGCGGTYSDNRYGGTCDPDGCDWNPYRLGNTSFYGPGSSFTLDTTKKLTVVTQFETSGAINRYYVQNGVTFQQPNA
ELGSYSGNELNDDYCTAEEAEFGGSSFSDKGGLTQFKKATSGGMVLVMSLWDDYYANMLWLDSTYPTNETSSTPGAVRGS
CSTSSGVPAQVESQSPNAKVTFSNIKFGPIGSTGNPSG
;
_entity_poly.pdbx_strand_id   A
#
loop_
_chem_comp.id
_chem_comp.type
_chem_comp.name
_chem_comp.formula
CO non-polymer 'COBALT (II) ION' 'Co 2'
NAG D-saccharide, beta linking 2-acetamido-2-deoxy-beta-D-glucopyranose 'C8 H15 N O6'
XYP D-saccharide, beta linking beta-D-xylopyranose 'C5 H10 O5'
#
# COMPACT_ATOMS: atom_id res chain seq x y z
N PCA A 1 11.62 11.73 15.11
CA PCA A 1 12.74 10.86 15.51
CB PCA A 1 12.28 9.49 15.01
CG PCA A 1 11.16 9.73 13.99
CD PCA A 1 10.81 11.16 14.22
OE PCA A 1 9.91 11.70 13.61
C PCA A 1 14.04 11.21 14.85
O PCA A 1 14.06 11.79 13.75
N SER A 2 15.15 10.94 15.55
CA SER A 2 16.46 11.00 14.91
C SER A 2 16.77 9.64 14.31
N ALA A 3 18.00 9.47 13.82
CA ALA A 3 18.43 8.22 13.22
C ALA A 3 19.75 7.77 13.88
N CYS A 4 19.89 6.48 14.10
CA CYS A 4 21.08 5.94 14.74
C CYS A 4 21.73 4.98 13.78
N THR A 5 22.93 4.52 14.10
CA THR A 5 23.79 3.83 13.14
C THR A 5 24.43 2.59 13.74
N LEU A 6 23.77 1.96 14.71
CA LEU A 6 24.23 0.69 15.25
C LEU A 6 24.20 -0.40 14.17
N GLN A 7 23.19 -0.32 13.30
CA GLN A 7 23.17 -1.15 12.11
C GLN A 7 23.10 -0.24 10.90
N SER A 8 23.92 -0.53 9.88
CA SER A 8 24.02 0.37 8.74
C SER A 8 22.78 0.33 7.83
N GLU A 9 22.53 1.46 7.16
CA GLU A 9 21.40 1.55 6.23
C GLU A 9 21.88 1.63 4.78
N THR A 10 21.75 0.52 4.07
CA THR A 10 22.01 0.40 2.64
C THR A 10 20.69 0.02 2.01
N HIS A 11 20.15 0.92 1.18
CA HIS A 11 18.90 0.66 0.50
C HIS A 11 19.14 -0.33 -0.64
N PRO A 12 18.34 -1.39 -0.75
CA PRO A 12 18.52 -2.26 -1.91
C PRO A 12 18.27 -1.48 -3.21
N PRO A 13 19.20 -1.59 -4.19
CA PRO A 13 19.03 -0.84 -5.45
C PRO A 13 17.91 -1.44 -6.25
N LEU A 14 17.28 -0.64 -7.11
CA LEU A 14 16.21 -1.14 -7.99
C LEU A 14 16.09 -0.19 -9.17
N THR A 15 16.20 -0.74 -10.37
CA THR A 15 16.05 0.06 -11.58
C THR A 15 14.65 -0.01 -12.15
N TRP A 16 14.31 1.02 -12.92
CA TRP A 16 13.02 1.10 -13.57
C TRP A 16 13.14 1.95 -14.81
N GLN A 17 12.13 1.93 -15.67
CA GLN A 17 12.22 2.63 -16.95
C GLN A 17 11.34 3.87 -17.00
N LYS A 18 11.97 4.96 -17.45
CA LYS A 18 11.28 6.18 -17.81
CA LYS A 18 11.27 6.18 -17.82
C LYS A 18 11.16 6.20 -19.33
N CYS A 19 9.91 6.25 -19.83
CA CYS A 19 9.63 6.19 -21.26
C CYS A 19 9.04 7.49 -21.72
N SER A 20 9.20 7.77 -23.02
CA SER A 20 8.81 9.06 -23.57
C SER A 20 7.79 8.90 -24.68
N SER A 21 7.03 9.96 -24.91
CA SER A 21 6.07 9.96 -26.00
C SER A 21 6.68 9.58 -27.36
N GLY A 22 7.94 9.92 -27.56
CA GLY A 22 8.64 9.62 -28.82
C GLY A 22 9.03 8.17 -29.00
N GLY A 23 8.66 7.33 -28.03
CA GLY A 23 8.78 5.88 -28.18
C GLY A 23 10.05 5.17 -27.72
N THR A 24 10.91 5.83 -26.98
CA THR A 24 12.02 5.11 -26.35
C THR A 24 11.85 5.15 -24.83
N CYS A 25 12.53 4.24 -24.14
CA CYS A 25 12.57 4.17 -22.68
C CYS A 25 14.05 4.16 -22.29
N THR A 26 14.35 4.79 -21.16
CA THR A 26 15.73 4.80 -20.65
C THR A 26 15.72 4.39 -19.18
N GLN A 27 16.78 3.70 -18.77
CA GLN A 27 16.86 3.16 -17.42
C GLN A 27 17.12 4.25 -16.36
N GLN A 28 16.43 4.09 -15.23
CA GLN A 28 16.59 4.96 -14.08
C GLN A 28 17.11 4.08 -12.96
N THR A 29 18.10 4.54 -12.21
CA THR A 29 18.56 3.77 -11.05
C THR A 29 18.05 4.37 -9.75
N GLY A 30 17.21 3.59 -9.07
CA GLY A 30 16.68 3.97 -7.75
C GLY A 30 17.08 2.98 -6.69
N SER A 31 16.27 2.90 -5.63
CA SER A 31 16.45 1.93 -4.55
C SER A 31 15.20 1.93 -3.67
N VAL A 32 15.14 1.00 -2.71
CA VAL A 32 13.96 0.88 -1.87
C VAL A 32 14.30 1.00 -0.40
N VAL A 33 13.39 1.60 0.36
CA VAL A 33 13.59 1.75 1.79
C VAL A 33 12.38 1.22 2.56
N ILE A 34 12.65 0.58 3.70
CA ILE A 34 11.58 0.00 4.54
C ILE A 34 11.02 1.09 5.46
N ASP A 35 9.70 1.08 5.57
CA ASP A 35 9.00 1.99 6.45
C ASP A 35 9.53 1.88 7.90
N ALA A 36 9.58 3.04 8.56
CA ALA A 36 10.05 3.20 9.93
C ALA A 36 9.43 2.27 10.99
N ASN A 37 8.17 1.85 10.79
CA ASN A 37 7.42 0.99 11.74
C ASN A 37 8.05 -0.37 11.93
N TRP A 38 8.72 -0.85 10.88
CA TRP A 38 9.48 -2.10 10.92
C TRP A 38 10.83 -2.02 11.59
N ARG A 39 11.31 -0.80 11.86
CA ARG A 39 12.65 -0.60 12.42
C ARG A 39 12.72 -0.74 13.94
N TRP A 40 13.94 -0.96 14.38
CA TRP A 40 14.29 -0.87 15.78
C TRP A 40 14.25 0.62 16.17
N THR A 41 13.54 0.94 17.24
CA THR A 41 13.47 2.28 17.78
C THR A 41 14.10 2.24 19.16
N HIS A 42 15.24 2.92 19.35
CA HIS A 42 15.90 2.95 20.65
C HIS A 42 16.40 4.32 21.08
N ALA A 43 16.79 4.42 22.35
CA ALA A 43 17.47 5.58 22.90
C ALA A 43 18.65 5.98 22.05
N THR A 44 18.74 7.27 21.75
CA THR A 44 19.87 7.86 21.01
C THR A 44 21.23 7.54 21.63
N ASN A 45 21.26 7.38 22.96
CA ASN A 45 22.53 7.18 23.69
C ASN A 45 22.86 5.75 24.11
N SER A 46 22.01 4.80 23.74
CA SER A 46 22.21 3.40 24.15
C SER A 46 21.41 2.46 23.26
N SER A 47 21.30 1.20 23.68
CA SER A 47 20.54 0.21 22.94
C SER A 47 19.23 -0.17 23.65
N THR A 48 18.82 0.69 24.56
CA THR A 48 17.57 0.52 25.27
C THR A 48 16.40 0.80 24.33
N ASN A 49 15.50 -0.18 24.21
CA ASN A 49 14.33 -0.08 23.35
C ASN A 49 13.38 1.03 23.78
N CYS A 50 13.02 1.91 22.84
CA CYS A 50 11.95 2.89 23.07
C CYS A 50 10.61 2.23 22.87
N TYR A 51 10.61 1.19 22.04
CA TYR A 51 9.39 0.44 21.76
C TYR A 51 9.72 -1.04 21.80
N ASP A 52 8.88 -1.79 22.51
CA ASP A 52 9.12 -3.20 22.75
C ASP A 52 7.86 -4.06 22.61
N GLY A 53 7.92 -5.07 21.75
CA GLY A 53 6.71 -5.85 21.44
C GLY A 53 5.61 -4.92 20.94
N ASN A 54 4.64 -4.60 21.80
CA ASN A 54 3.60 -3.65 21.40
C ASN A 54 3.37 -2.52 22.38
N THR A 55 4.38 -2.23 23.19
CA THR A 55 4.28 -1.16 24.16
CA THR A 55 4.32 -1.19 24.21
C THR A 55 5.54 -0.28 24.15
N TRP A 56 5.36 0.95 24.60
CA TRP A 56 6.44 1.92 24.70
C TRP A 56 7.07 1.95 26.08
N SER A 57 8.33 2.36 26.10
CA SER A 57 9.11 2.62 27.29
C SER A 57 8.45 3.85 27.94
N SER A 58 7.95 3.68 29.16
CA SER A 58 7.20 4.74 29.84
C SER A 58 8.14 5.87 30.33
N THR A 59 9.42 5.54 30.50
CA THR A 59 10.38 6.53 30.98
C THR A 59 10.96 7.34 29.84
N LEU A 60 11.42 6.64 28.79
CA LEU A 60 11.98 7.29 27.61
C LEU A 60 10.92 8.09 26.86
N CYS A 61 9.68 7.58 26.89
CA CYS A 61 8.58 8.08 26.07
C CYS A 61 7.38 8.42 26.94
N PRO A 62 7.53 9.43 27.82
CA PRO A 62 6.40 9.79 28.68
C PRO A 62 5.34 10.60 27.96
N ASP A 63 5.67 11.08 26.76
CA ASP A 63 4.80 11.92 25.94
C ASP A 63 5.43 11.96 24.55
N ASN A 64 4.66 12.41 23.57
CA ASN A 64 5.09 12.41 22.16
C ASN A 64 6.38 13.13 21.89
N GLU A 65 6.52 14.34 22.43
CA GLU A 65 7.70 15.20 22.21
C GLU A 65 8.97 14.60 22.81
N THR A 66 8.91 14.23 24.09
CA THR A 66 10.08 13.69 24.80
C THR A 66 10.53 12.39 24.14
N CYS A 67 9.55 11.57 23.75
CA CYS A 67 9.84 10.30 23.10
C CYS A 67 10.66 10.58 21.86
N ALA A 68 10.19 11.53 21.04
CA ALA A 68 10.84 11.84 19.76
C ALA A 68 12.27 12.37 19.94
N LYS A 69 12.49 13.13 21.01
CA LYS A 69 13.82 13.66 21.35
C LYS A 69 14.77 12.56 21.85
N ASN A 70 14.23 11.63 22.65
CA ASN A 70 15.05 10.57 23.25
C ASN A 70 15.43 9.44 22.27
N CYS A 71 14.68 9.35 21.18
CA CYS A 71 14.60 8.10 20.42
C CYS A 71 15.01 8.27 18.97
N CYS A 72 15.70 7.26 18.44
CA CYS A 72 16.07 7.25 17.03
C CYS A 72 15.57 5.96 16.34
N LEU A 73 15.52 5.98 15.01
CA LEU A 73 15.34 4.74 14.25
C LEU A 73 16.71 4.26 13.79
N ASP A 74 16.88 2.95 13.63
CA ASP A 74 18.18 2.41 13.18
C ASP A 74 18.07 1.71 11.84
N GLY A 75 19.20 1.22 11.33
CA GLY A 75 19.25 0.57 10.02
C GLY A 75 18.58 -0.78 9.96
N ALA A 76 18.38 -1.26 8.74
CA ALA A 76 17.67 -2.50 8.49
C ALA A 76 18.58 -3.46 7.76
N ALA A 77 18.63 -4.69 8.22
CA ALA A 77 19.35 -5.73 7.49
C ALA A 77 18.28 -6.28 6.56
N TYR A 78 18.18 -5.75 5.34
CA TYR A 78 17.03 -5.99 4.48
C TYR A 78 16.75 -7.47 4.21
N ALA A 79 17.76 -8.23 3.78
CA ALA A 79 17.57 -9.67 3.50
C ALA A 79 17.37 -10.56 4.75
N SER A 80 18.30 -10.47 5.68
CA SER A 80 18.34 -11.42 6.79
C SER A 80 17.24 -11.19 7.83
N THR A 81 16.85 -9.94 8.01
CA THR A 81 15.83 -9.59 9.00
C THR A 81 14.47 -9.46 8.34
N TYR A 82 14.43 -8.80 7.17
CA TYR A 82 13.15 -8.44 6.57
C TYR A 82 12.74 -9.23 5.34
N GLY A 83 13.64 -10.09 4.86
CA GLY A 83 13.35 -10.93 3.70
C GLY A 83 13.09 -10.14 2.42
N VAL A 84 13.69 -8.96 2.33
CA VAL A 84 13.57 -8.07 1.18
C VAL A 84 14.84 -8.14 0.34
N THR A 85 14.71 -8.55 -0.93
CA THR A 85 15.84 -8.60 -1.87
C THR A 85 15.50 -7.95 -3.20
N THR A 86 16.53 -7.39 -3.85
CA THR A 86 16.36 -6.87 -5.20
C THR A 86 17.42 -7.47 -6.11
N SER A 87 17.12 -7.47 -7.41
CA SER A 87 18.05 -7.90 -8.44
C SER A 87 17.66 -7.22 -9.76
N GLY A 88 18.48 -6.25 -10.19
CA GLY A 88 18.23 -5.46 -11.37
C GLY A 88 16.91 -4.72 -11.26
N ASN A 89 15.96 -5.11 -12.10
CA ASN A 89 14.62 -4.47 -12.06
C ASN A 89 13.61 -5.23 -11.21
N SER A 90 14.11 -6.14 -10.37
CA SER A 90 13.27 -7.09 -9.65
C SER A 90 13.34 -6.96 -8.12
N LEU A 91 12.17 -6.86 -7.50
CA LEU A 91 12.06 -6.80 -6.04
C LEU A 91 11.25 -8.00 -5.52
N SER A 92 11.78 -8.71 -4.53
CA SER A 92 11.03 -9.76 -3.82
C SER A 92 10.87 -9.45 -2.33
N ILE A 93 9.70 -9.79 -1.79
CA ILE A 93 9.40 -9.63 -0.36
C ILE A 93 8.82 -10.93 0.13
N ASP A 94 9.50 -11.54 1.11
CA ASP A 94 9.05 -12.75 1.74
C ASP A 94 8.04 -12.42 2.83
N PHE A 95 7.17 -13.37 3.12
CA PHE A 95 6.12 -13.19 4.13
C PHE A 95 6.62 -13.21 5.58
N VAL A 96 7.14 -14.35 6.02
CA VAL A 96 7.63 -14.44 7.40
C VAL A 96 9.14 -14.66 7.33
N THR A 97 9.89 -13.79 7.99
CA THR A 97 11.33 -13.98 8.07
C THR A 97 11.80 -14.21 9.52
N GLN A 98 12.58 -15.28 9.70
CA GLN A 98 13.02 -15.70 11.04
C GLN A 98 14.48 -15.37 11.26
N SER A 99 14.74 -14.37 12.09
CA SER A 99 16.12 -14.10 12.54
C SER A 99 16.16 -14.31 14.07
N ALA A 100 16.82 -13.43 14.81
CA ALA A 100 16.68 -13.48 16.27
C ALA A 100 15.19 -13.48 16.61
N GLN A 101 14.42 -12.75 15.82
CA GLN A 101 12.99 -12.73 16.01
C GLN A 101 12.26 -13.01 14.69
N LYS A 102 10.95 -13.13 14.79
CA LYS A 102 10.08 -13.28 13.65
C LYS A 102 9.69 -11.91 13.08
N ASN A 103 9.83 -11.71 11.78
CA ASN A 103 9.30 -10.51 11.12
C ASN A 103 8.18 -10.85 10.16
N VAL A 104 7.10 -10.06 10.19
CA VAL A 104 6.02 -10.25 9.20
C VAL A 104 6.02 -9.17 8.12
N GLY A 105 6.32 -9.57 6.88
CA GLY A 105 6.22 -8.72 5.72
C GLY A 105 7.07 -7.47 5.73
N ALA A 106 6.71 -6.52 4.85
CA ALA A 106 7.42 -5.26 4.69
C ALA A 106 6.56 -4.26 3.93
N ARG A 107 6.84 -2.98 4.17
CA ARG A 107 6.27 -1.90 3.38
C ARG A 107 7.46 -1.07 2.93
N LEU A 108 7.57 -0.89 1.61
CA LEU A 108 8.75 -0.25 1.03
C LEU A 108 8.39 0.91 0.10
N TYR A 109 9.23 1.94 0.09
CA TYR A 109 9.09 3.07 -0.82
C TYR A 109 10.25 3.10 -1.81
N LEU A 110 9.96 3.49 -3.07
CA LEU A 110 11.01 3.73 -4.07
C LEU A 110 11.70 5.07 -3.84
N MET A 111 13.03 5.04 -3.86
CA MET A 111 13.86 6.21 -3.59
C MET A 111 14.42 6.81 -4.87
N ALA A 112 14.50 8.14 -4.86
CA ALA A 112 15.13 8.94 -5.89
C ALA A 112 16.64 9.04 -5.58
N SER A 113 16.97 9.15 -4.31
CA SER A 113 18.35 9.21 -3.87
C SER A 113 18.31 8.59 -2.50
N ASP A 114 19.48 8.51 -1.86
N ASP A 114 19.46 8.45 -1.84
CA ASP A 114 19.66 7.85 -0.58
CA ASP A 114 19.51 7.72 -0.58
C ASP A 114 18.82 8.49 0.52
C ASP A 114 18.85 8.51 0.56
N THR A 115 18.34 9.70 0.25
CA THR A 115 17.75 10.60 1.29
C THR A 115 16.38 11.17 0.92
N THR A 116 15.89 10.84 -0.27
CA THR A 116 14.65 11.39 -0.82
C THR A 116 13.85 10.32 -1.55
N TYR A 117 12.54 10.44 -1.50
CA TYR A 117 11.68 9.50 -2.22
C TYR A 117 11.52 9.99 -3.67
N GLN A 118 11.26 9.04 -4.58
CA GLN A 118 10.90 9.34 -5.96
C GLN A 118 9.41 9.70 -6.06
N GLU A 119 9.12 10.87 -6.63
CA GLU A 119 7.73 11.30 -6.83
C GLU A 119 7.34 11.10 -8.30
N PHE A 120 6.17 10.51 -8.52
CA PHE A 120 5.61 10.31 -9.86
C PHE A 120 4.32 11.17 -9.98
N THR A 121 4.16 11.84 -11.13
CA THR A 121 2.93 12.56 -11.42
C THR A 121 2.07 11.68 -12.32
N LEU A 122 0.99 11.14 -11.78
CA LEU A 122 0.29 10.05 -12.52
C LEU A 122 -0.57 10.54 -13.68
N LEU A 123 -1.26 11.66 -13.48
CA LEU A 123 -2.20 12.17 -14.46
C LEU A 123 -1.57 12.33 -15.86
N GLY A 124 -2.18 11.70 -16.84
CA GLY A 124 -1.79 11.86 -18.24
C GLY A 124 -0.74 10.83 -18.56
N ASN A 125 -0.36 10.06 -17.53
CA ASN A 125 0.69 9.03 -17.70
C ASN A 125 0.16 7.65 -17.41
N GLU A 126 0.99 6.64 -17.68
CA GLU A 126 0.72 5.26 -17.37
C GLU A 126 1.87 4.58 -16.62
N PHE A 127 1.54 3.63 -15.78
CA PHE A 127 2.46 2.82 -14.96
C PHE A 127 2.33 1.33 -15.34
N SER A 128 3.45 0.71 -15.72
CA SER A 128 3.46 -0.73 -16.05
C SER A 128 4.37 -1.46 -15.07
N PHE A 129 3.99 -2.66 -14.69
CA PHE A 129 4.82 -3.55 -13.85
C PHE A 129 4.51 -5.03 -14.13
N ASP A 130 5.51 -5.86 -13.89
CA ASP A 130 5.34 -7.30 -13.89
C ASP A 130 5.20 -7.81 -12.44
N VAL A 131 4.35 -8.81 -12.25
CA VAL A 131 4.17 -9.41 -10.94
C VAL A 131 3.99 -10.92 -11.00
N ASP A 132 4.62 -11.58 -10.04
CA ASP A 132 4.41 -12.97 -9.74
C ASP A 132 3.65 -13.09 -8.42
N VAL A 133 2.38 -13.50 -8.49
CA VAL A 133 1.54 -13.71 -7.31
C VAL A 133 1.28 -15.19 -7.01
N SER A 134 2.02 -16.09 -7.66
CA SER A 134 1.78 -17.52 -7.53
C SER A 134 1.98 -18.07 -6.11
N GLN A 135 2.85 -17.40 -5.34
CA GLN A 135 3.12 -17.81 -3.97
C GLN A 135 2.32 -16.99 -2.98
N LEU A 136 1.18 -16.47 -3.41
CA LEU A 136 0.29 -15.71 -2.52
C LEU A 136 -1.09 -16.35 -2.37
N PRO A 137 -1.36 -17.01 -1.22
CA PRO A 137 -2.63 -17.69 -1.03
C PRO A 137 -3.66 -16.76 -0.37
N CYS A 138 -4.88 -17.25 -0.16
CA CYS A 138 -5.94 -16.49 0.53
C CYS A 138 -5.42 -15.80 1.78
N GLY A 139 -5.93 -14.60 2.05
CA GLY A 139 -5.52 -13.88 3.27
C GLY A 139 -4.24 -13.07 3.16
N LEU A 140 -3.60 -13.11 2.00
CA LEU A 140 -2.40 -12.32 1.79
C LEU A 140 -2.63 -11.26 0.73
N ASN A 141 -1.81 -10.20 0.80
CA ASN A 141 -1.86 -9.07 -0.10
C ASN A 141 -0.47 -8.53 -0.46
N GLY A 142 -0.14 -8.72 -1.73
CA GLY A 142 1.06 -8.11 -2.28
C GLY A 142 0.61 -6.84 -2.96
N ALA A 143 0.96 -5.70 -2.37
CA ALA A 143 0.40 -4.43 -2.80
C ALA A 143 1.41 -3.51 -3.48
N LEU A 144 0.98 -2.95 -4.62
CA LEU A 144 1.69 -1.87 -5.29
C LEU A 144 0.72 -0.71 -5.43
N TYR A 145 1.12 0.43 -4.90
CA TYR A 145 0.23 1.58 -4.83
C TYR A 145 1.02 2.88 -4.64
N PHE A 146 0.31 4.00 -4.65
CA PHE A 146 0.91 5.29 -4.57
C PHE A 146 0.18 6.02 -3.45
N VAL A 147 0.93 6.89 -2.78
CA VAL A 147 0.38 7.75 -1.72
C VAL A 147 1.04 9.14 -1.80
N SER A 148 0.32 10.16 -1.33
CA SER A 148 0.73 11.53 -1.43
C SER A 148 1.70 11.89 -0.32
N MET A 149 2.86 11.23 -0.29
CA MET A 149 3.89 11.54 0.71
C MET A 149 4.84 12.67 0.28
N ASP A 150 5.38 13.38 1.28
CA ASP A 150 6.40 14.41 1.07
C ASP A 150 7.68 13.70 0.68
N ALA A 151 8.38 14.25 -0.31
CA ALA A 151 9.61 13.61 -0.83
C ALA A 151 10.69 13.45 0.22
N ASP A 152 10.62 14.25 1.29
CA ASP A 152 11.65 14.19 2.33
C ASP A 152 11.17 13.38 3.52
N GLY A 153 9.95 12.86 3.43
CA GLY A 153 9.35 12.08 4.53
C GLY A 153 8.99 12.90 5.77
N GLY A 154 8.74 14.20 5.56
CA GLY A 154 8.30 15.09 6.63
C GLY A 154 9.34 16.01 7.28
N VAL A 155 10.62 15.87 6.93
CA VAL A 155 11.70 16.68 7.57
C VAL A 155 11.50 18.21 7.54
N SER A 156 11.18 18.81 6.39
CA SER A 156 11.12 20.27 6.33
C SER A 156 9.95 20.84 7.13
N LYS A 157 8.87 20.09 7.23
CA LYS A 157 7.73 20.58 8.01
C LYS A 157 7.89 20.32 9.52
N TYR A 158 8.61 19.26 9.89
CA TYR A 158 8.73 18.90 11.32
C TYR A 158 10.17 18.55 11.63
N PRO A 159 10.97 19.57 12.00
CA PRO A 159 12.43 19.45 12.19
C PRO A 159 12.84 18.51 13.34
N THR A 160 11.90 18.06 14.17
CA THR A 160 12.19 17.04 15.17
C THR A 160 12.25 15.65 14.54
N ASN A 161 11.79 15.52 13.29
CA ASN A 161 12.10 14.34 12.47
C ASN A 161 13.38 14.66 11.71
N THR A 162 14.47 14.04 12.12
CA THR A 162 15.73 14.18 11.38
C THR A 162 16.17 12.87 10.72
N ALA A 163 15.35 11.83 10.83
CA ALA A 163 15.61 10.54 10.15
C ALA A 163 15.22 10.58 8.67
N GLY A 164 14.02 11.10 8.38
CA GLY A 164 13.61 11.33 7.00
C GLY A 164 13.35 10.10 6.14
N ALA A 165 13.38 10.32 4.81
CA ALA A 165 13.07 9.30 3.79
C ALA A 165 14.09 8.18 3.85
N LYS A 166 15.32 8.54 4.21
CA LYS A 166 16.40 7.57 4.38
C LYS A 166 16.02 6.43 5.32
N TYR A 167 15.15 6.74 6.29
CA TYR A 167 14.67 5.76 7.28
C TYR A 167 13.16 5.52 7.19
N GLY A 168 12.58 5.92 6.07
CA GLY A 168 11.23 5.46 5.71
C GLY A 168 10.19 6.12 6.55
N THR A 169 10.42 7.40 6.86
CA THR A 169 9.45 8.19 7.66
C THR A 169 8.43 8.83 6.74
N GLY A 170 7.37 9.39 7.34
CA GLY A 170 6.41 10.16 6.55
C GLY A 170 5.13 9.51 6.03
N TYR A 171 4.91 8.23 6.31
CA TYR A 171 3.81 7.47 5.71
C TYR A 171 2.43 8.05 6.03
N CYS A 172 1.53 7.91 5.07
CA CYS A 172 0.17 8.37 5.19
C CYS A 172 -0.55 7.52 4.17
N ASP A 173 -1.83 7.24 4.42
CA ASP A 173 -2.67 6.63 3.40
C ASP A 173 -4.12 6.91 3.70
N SER A 174 -5.00 6.35 2.88
CA SER A 174 -6.41 6.71 2.92
C SER A 174 -7.15 6.12 4.11
N GLN A 175 -6.46 5.30 4.91
CA GLN A 175 -6.99 4.79 6.18
C GLN A 175 -6.66 5.69 7.36
N CYS A 176 -5.92 6.76 7.10
CA CYS A 176 -5.41 7.64 8.18
C CYS A 176 -4.75 6.80 9.29
N PRO A 177 -3.75 5.98 8.92
CA PRO A 177 -3.34 4.95 9.89
C PRO A 177 -2.84 5.52 11.24
N ARG A 178 -3.28 4.87 12.33
CA ARG A 178 -2.93 5.24 13.71
C ARG A 178 -1.95 4.22 14.32
N ASP A 179 -1.60 3.19 13.55
CA ASP A 179 -0.59 2.22 14.04
C ASP A 179 0.85 2.74 13.89
N LEU A 180 1.01 3.88 13.24
CA LEU A 180 2.32 4.47 13.06
C LEU A 180 2.87 4.93 14.40
N LYS A 181 4.14 4.65 14.61
CA LYS A 181 4.79 5.02 15.87
C LYS A 181 5.35 6.46 15.88
N PHE A 182 5.67 7.00 14.70
CA PHE A 182 6.02 8.42 14.56
C PHE A 182 5.24 9.09 13.44
N ILE A 183 4.59 10.21 13.78
CA ILE A 183 3.86 11.08 12.85
C ILE A 183 4.23 12.53 13.16
N ASN A 184 4.49 13.32 12.11
CA ASN A 184 4.85 14.74 12.22
C ASN A 184 6.00 15.05 13.20
N GLY A 185 7.04 14.21 13.18
CA GLY A 185 8.22 14.39 14.01
C GLY A 185 8.04 14.17 15.50
N GLN A 186 6.89 13.61 15.88
CA GLN A 186 6.65 13.17 17.25
C GLN A 186 6.23 11.70 17.28
N ALA A 187 6.51 11.05 18.41
CA ALA A 187 6.00 9.71 18.71
C ALA A 187 4.48 9.66 18.80
N ASN A 188 3.92 8.46 18.69
CA ASN A 188 2.47 8.24 18.84
C ASN A 188 2.13 7.59 20.21
N VAL A 189 3.03 7.73 21.19
CA VAL A 189 2.85 7.11 22.53
C VAL A 189 1.60 7.56 23.29
N GLU A 190 1.24 8.83 23.22
CA GLU A 190 0.04 9.29 23.91
C GLU A 190 -1.19 8.60 23.34
N GLY A 191 -1.96 7.94 24.20
CA GLY A 191 -3.21 7.24 23.81
C GLY A 191 -2.97 5.85 23.24
N TRP A 192 -1.73 5.36 23.33
CA TRP A 192 -1.40 4.05 22.78
C TRP A 192 -2.18 2.93 23.44
N GLU A 193 -2.77 2.09 22.61
CA GLU A 193 -3.48 0.91 23.04
C GLU A 193 -2.89 -0.23 22.23
N PRO A 194 -2.21 -1.16 22.91
CA PRO A 194 -1.62 -2.29 22.18
C PRO A 194 -2.74 -3.13 21.57
N SER A 195 -2.47 -3.68 20.39
CA SER A 195 -3.41 -4.54 19.70
CA SER A 195 -3.39 -4.56 19.69
C SER A 195 -3.72 -5.80 20.51
N SER A 196 -4.95 -6.28 20.42
CA SER A 196 -5.34 -7.50 21.13
C SER A 196 -4.81 -8.76 20.43
N ASN A 197 -4.61 -8.71 19.12
CA ASN A 197 -4.20 -9.91 18.37
C ASN A 197 -2.79 -9.92 17.74
N ASN A 198 -2.05 -8.82 17.85
CA ASN A 198 -0.75 -8.68 17.21
C ASN A 198 0.27 -8.27 18.25
N ALA A 199 1.29 -9.12 18.43
CA ALA A 199 2.35 -8.94 19.43
C ALA A 199 3.23 -7.70 19.19
N ASN A 200 3.28 -7.24 17.93
CA ASN A 200 4.17 -6.15 17.52
C ASN A 200 3.49 -4.81 17.23
N THR A 201 2.20 -4.66 17.49
CA THR A 201 1.50 -3.44 17.04
C THR A 201 0.50 -2.89 18.05
N GLY A 202 0.06 -1.65 17.79
CA GLY A 202 -0.93 -0.95 18.64
C GLY A 202 -1.53 0.22 17.87
N ILE A 203 -2.27 1.08 18.56
CA ILE A 203 -3.06 2.16 17.94
C ILE A 203 -2.86 3.39 18.80
N GLY A 204 -2.39 4.49 18.19
CA GLY A 204 -2.02 5.71 18.95
C GLY A 204 -3.14 6.74 18.89
N GLY A 205 -2.96 7.86 19.58
CA GLY A 205 -3.94 8.96 19.52
C GLY A 205 -3.96 9.78 18.23
N HIS A 206 -2.92 9.61 17.39
CA HIS A 206 -2.77 10.34 16.12
C HIS A 206 -2.75 9.38 14.93
N GLY A 207 -3.14 9.87 13.76
CA GLY A 207 -3.01 9.13 12.50
C GLY A 207 -2.48 10.03 11.41
N SER A 208 -2.25 9.46 10.22
CA SER A 208 -1.62 10.19 9.11
CA SER A 208 -1.64 10.20 9.11
C SER A 208 -2.42 9.95 7.82
N CYS A 209 -3.12 10.99 7.37
CA CYS A 209 -4.04 10.89 6.25
C CYS A 209 -3.40 11.37 4.98
N CYS A 210 -3.84 10.81 3.86
CA CYS A 210 -3.53 11.34 2.53
C CYS A 210 -4.14 10.47 1.43
N SER A 211 -4.21 11.03 0.24
CA SER A 211 -4.72 10.36 -0.92
C SER A 211 -3.89 9.14 -1.23
N GLU A 212 -4.57 8.13 -1.76
CA GLU A 212 -4.00 6.81 -2.03
C GLU A 212 -4.55 6.24 -3.34
N MET A 213 -3.65 5.85 -4.21
CA MET A 213 -4.01 5.17 -5.41
C MET A 213 -3.58 3.73 -5.35
N ASP A 214 -4.55 2.84 -5.16
CA ASP A 214 -4.29 1.41 -5.08
C ASP A 214 -4.30 0.79 -6.47
N ILE A 215 -3.15 0.89 -7.15
CA ILE A 215 -3.00 0.23 -8.44
CA ILE A 215 -2.94 0.22 -8.42
C ILE A 215 -3.27 -1.28 -8.30
N TRP A 216 -2.74 -1.89 -7.25
CA TRP A 216 -2.70 -3.35 -7.15
C TRP A 216 -2.76 -3.82 -5.70
N GLN A 217 -3.90 -4.38 -5.32
CA GLN A 217 -4.05 -5.10 -4.04
C GLN A 217 -4.47 -6.49 -4.41
N ALA A 218 -3.60 -7.49 -4.17
CA ALA A 218 -3.77 -8.78 -4.83
C ALA A 218 -3.04 -9.99 -4.25
N ASN A 219 -3.58 -11.17 -4.58
CA ASN A 219 -2.94 -12.47 -4.38
C ASN A 219 -3.31 -13.36 -5.56
N SER A 220 -3.16 -14.68 -5.43
CA SER A 220 -3.35 -15.62 -6.55
C SER A 220 -4.82 -15.84 -6.86
N ILE A 221 -5.68 -15.36 -5.97
CA ILE A 221 -7.13 -15.58 -6.05
C ILE A 221 -7.91 -14.29 -6.44
N SER A 222 -7.47 -13.15 -5.97
CA SER A 222 -8.21 -11.90 -6.20
C SER A 222 -7.32 -10.70 -6.38
N GLU A 223 -7.79 -9.70 -7.13
CA GLU A 223 -7.05 -8.45 -7.38
C GLU A 223 -8.01 -7.30 -7.53
N ALA A 224 -7.63 -6.13 -7.01
CA ALA A 224 -8.46 -4.92 -7.06
C ALA A 224 -7.68 -3.64 -7.39
N LEU A 225 -8.34 -2.77 -8.19
CA LEU A 225 -7.89 -1.44 -8.58
C LEU A 225 -8.74 -0.35 -7.88
N THR A 226 -8.13 0.49 -7.04
CA THR A 226 -8.92 1.41 -6.17
C THR A 226 -8.30 2.79 -5.86
N PRO A 227 -8.90 3.87 -6.42
CA PRO A 227 -8.58 5.25 -6.01
C PRO A 227 -9.30 5.66 -4.70
N HIS A 228 -8.60 6.37 -3.82
CA HIS A 228 -9.17 6.84 -2.55
C HIS A 228 -8.94 8.35 -2.38
N PRO A 229 -10.02 9.15 -2.48
CA PRO A 229 -9.87 10.59 -2.28
C PRO A 229 -9.83 10.97 -0.81
N CYS A 230 -9.21 12.12 -0.51
CA CYS A 230 -9.26 12.77 0.81
C CYS A 230 -9.50 14.27 0.61
N THR A 231 -10.19 14.90 1.57
CA THR A 231 -10.51 16.34 1.46
C THR A 231 -9.26 17.20 1.53
N THR A 232 -8.24 16.67 2.20
CA THR A 232 -6.90 17.21 2.16
C THR A 232 -6.01 16.25 1.33
N VAL A 233 -5.48 16.75 0.21
CA VAL A 233 -4.80 15.89 -0.76
C VAL A 233 -3.56 15.19 -0.16
N GLY A 234 -2.69 15.97 0.47
CA GLY A 234 -1.41 15.47 0.95
C GLY A 234 -1.44 15.04 2.40
N GLN A 235 -0.26 14.73 2.94
CA GLN A 235 -0.14 14.19 4.30
C GLN A 235 -0.64 15.17 5.34
N GLU A 236 -1.45 14.66 6.27
CA GLU A 236 -2.03 15.45 7.34
C GLU A 236 -2.35 14.56 8.55
N ILE A 237 -1.93 15.02 9.72
CA ILE A 237 -2.21 14.35 10.99
C ILE A 237 -3.72 14.44 11.26
N CYS A 238 -4.24 13.48 12.01
CA CYS A 238 -5.64 13.51 12.47
C CYS A 238 -5.65 13.06 13.93
N GLU A 239 -6.72 13.42 14.63
CA GLU A 239 -6.85 13.20 16.07
C GLU A 239 -7.88 12.13 16.41
N GLY A 240 -7.41 11.07 17.05
CA GLY A 240 -8.25 9.99 17.56
C GLY A 240 -9.24 9.40 16.59
N ASP A 241 -10.47 9.22 17.07
CA ASP A 241 -11.55 8.65 16.27
C ASP A 241 -12.04 9.56 15.13
N GLY A 242 -11.67 10.83 15.21
CA GLY A 242 -11.77 11.77 14.08
C GLY A 242 -11.00 11.30 12.84
N CYS A 243 -9.95 10.51 13.04
CA CYS A 243 -9.22 9.90 11.91
C CYS A 243 -10.09 9.09 10.96
N GLY A 244 -11.10 8.39 11.50
CA GLY A 244 -11.86 7.44 10.70
C GLY A 244 -10.97 6.29 10.26
N GLY A 245 -11.38 5.56 9.22
CA GLY A 245 -10.58 4.45 8.68
C GLY A 245 -10.56 3.21 9.56
N THR A 246 -9.72 2.25 9.19
CA THR A 246 -9.68 0.92 9.81
C THR A 246 -9.29 0.93 11.30
N TYR A 247 -8.40 1.85 11.66
CA TYR A 247 -7.78 1.85 12.98
C TYR A 247 -8.69 2.54 14.02
N SER A 248 -9.74 3.20 13.53
CA SER A 248 -10.72 3.89 14.39
C SER A 248 -12.02 3.09 14.57
N ASP A 249 -12.74 3.40 15.65
CA ASP A 249 -14.05 2.81 15.95
C ASP A 249 -15.03 3.15 14.84
N ASN A 250 -15.17 4.44 14.52
CA ASN A 250 -16.01 4.87 13.41
CA ASN A 250 -16.01 4.88 13.42
C ASN A 250 -15.19 5.02 12.13
N ARG A 251 -15.52 4.21 11.14
CA ARG A 251 -14.84 4.19 9.85
C ARG A 251 -14.95 5.49 9.03
N TYR A 252 -16.12 6.12 9.04
CA TYR A 252 -16.40 7.27 8.17
C TYR A 252 -16.27 8.63 8.85
N GLY A 253 -15.81 8.62 10.09
CA GLY A 253 -15.59 9.86 10.83
C GLY A 253 -14.86 11.00 10.11
N GLY A 254 -13.83 10.66 9.33
CA GLY A 254 -12.81 11.66 8.96
C GLY A 254 -12.71 12.26 7.58
N THR A 255 -11.46 12.56 7.20
CA THR A 255 -11.14 13.36 6.03
C THR A 255 -10.81 12.51 4.79
N CYS A 256 -10.60 11.21 4.99
CA CYS A 256 -10.31 10.34 3.85
C CYS A 256 -11.45 9.39 3.52
N ASP A 257 -11.47 8.90 2.29
CA ASP A 257 -12.32 7.77 1.93
C ASP A 257 -11.56 6.45 2.06
N PRO A 258 -11.84 5.65 3.13
CA PRO A 258 -11.15 4.38 3.36
C PRO A 258 -11.73 3.22 2.52
N ASP A 259 -12.84 3.45 1.83
CA ASP A 259 -13.44 2.39 1.00
C ASP A 259 -12.92 2.45 -0.43
N GLY A 260 -12.98 3.64 -1.02
CA GLY A 260 -12.52 3.88 -2.39
C GLY A 260 -13.52 3.42 -3.41
N CYS A 261 -13.27 3.73 -4.69
CA CYS A 261 -14.08 3.26 -5.79
C CYS A 261 -13.32 2.08 -6.39
N ASP A 262 -13.63 0.91 -5.88
CA ASP A 262 -12.84 -0.29 -6.13
C ASP A 262 -13.37 -0.99 -7.35
N TRP A 263 -12.44 -1.56 -8.11
CA TRP A 263 -12.76 -2.37 -9.24
C TRP A 263 -12.07 -3.71 -9.05
N ASN A 264 -12.88 -4.77 -8.86
CA ASN A 264 -12.41 -6.12 -8.69
C ASN A 264 -13.24 -6.90 -9.67
N PRO A 265 -12.60 -7.47 -10.72
CA PRO A 265 -13.37 -8.15 -11.76
C PRO A 265 -14.26 -9.29 -11.26
N TYR A 266 -13.76 -10.06 -10.28
CA TYR A 266 -14.51 -11.12 -9.63
C TYR A 266 -15.78 -10.57 -8.97
N ARG A 267 -15.63 -9.48 -8.22
CA ARG A 267 -16.72 -8.81 -7.50
C ARG A 267 -17.82 -8.36 -8.43
N LEU A 268 -17.41 -7.90 -9.61
CA LEU A 268 -18.31 -7.41 -10.66
C LEU A 268 -18.89 -8.51 -11.55
N GLY A 269 -18.59 -9.76 -11.24
CA GLY A 269 -19.27 -10.88 -11.85
C GLY A 269 -18.46 -11.77 -12.75
N ASN A 270 -17.27 -11.33 -13.11
CA ASN A 270 -16.48 -12.18 -14.00
C ASN A 270 -15.50 -12.94 -13.12
N THR A 271 -15.92 -14.15 -12.78
CA THR A 271 -15.17 -15.05 -11.89
C THR A 271 -14.16 -15.90 -12.69
N SER A 272 -14.14 -15.71 -14.00
CA SER A 272 -13.27 -16.54 -14.86
C SER A 272 -11.98 -15.83 -15.30
N PHE A 273 -11.92 -14.54 -14.98
CA PHE A 273 -10.84 -13.68 -15.48
C PHE A 273 -9.46 -13.93 -14.89
N TYR A 274 -9.39 -14.18 -13.59
CA TYR A 274 -8.15 -14.06 -12.84
C TYR A 274 -8.15 -15.09 -11.72
N GLY A 275 -7.24 -16.04 -11.84
CA GLY A 275 -7.06 -17.03 -10.80
C GLY A 275 -6.05 -18.06 -11.27
N PRO A 276 -5.79 -19.07 -10.43
CA PRO A 276 -4.72 -20.08 -10.62
C PRO A 276 -5.04 -21.13 -11.67
N GLY A 277 -4.11 -21.36 -12.58
CA GLY A 277 -4.28 -22.42 -13.58
C GLY A 277 -4.93 -22.02 -14.89
N SER A 278 -5.01 -22.98 -15.81
CA SER A 278 -5.42 -22.67 -17.20
C SER A 278 -6.90 -22.37 -17.42
N SER A 279 -7.74 -22.55 -16.42
CA SER A 279 -9.18 -22.24 -16.56
C SER A 279 -9.52 -20.75 -16.36
N PHE A 280 -8.51 -19.93 -16.07
CA PHE A 280 -8.72 -18.49 -15.94
C PHE A 280 -8.13 -17.77 -17.14
N THR A 281 -8.68 -16.59 -17.42
CA THR A 281 -8.16 -15.73 -18.51
C THR A 281 -6.70 -15.37 -18.27
N LEU A 282 -6.40 -14.96 -17.05
CA LEU A 282 -5.04 -14.75 -16.59
C LEU A 282 -4.72 -15.79 -15.49
N ASP A 283 -3.70 -16.61 -15.77
CA ASP A 283 -3.24 -17.70 -14.93
C ASP A 283 -2.28 -17.20 -13.83
N THR A 284 -2.76 -17.21 -12.58
CA THR A 284 -1.98 -16.61 -11.50
C THR A 284 -0.80 -17.43 -11.02
N THR A 285 -0.64 -18.63 -11.57
CA THR A 285 0.59 -19.42 -11.37
C THR A 285 1.79 -18.88 -12.17
N LYS A 286 1.53 -17.99 -13.13
CA LYS A 286 2.59 -17.41 -13.98
C LYS A 286 2.68 -15.89 -13.84
N LYS A 287 3.85 -15.31 -14.16
CA LYS A 287 4.02 -13.86 -14.10
C LYS A 287 3.08 -13.19 -15.11
N LEU A 288 2.59 -12.01 -14.74
CA LEU A 288 1.70 -11.24 -15.60
C LEU A 288 2.07 -9.75 -15.60
N THR A 289 1.70 -9.06 -16.68
CA THR A 289 1.96 -7.62 -16.85
C THR A 289 0.69 -6.84 -16.55
N VAL A 290 0.82 -5.78 -15.76
CA VAL A 290 -0.32 -4.95 -15.33
C VAL A 290 -0.05 -3.49 -15.71
N VAL A 291 -0.86 -2.94 -16.62
CA VAL A 291 -0.70 -1.55 -17.08
C VAL A 291 -1.93 -0.70 -16.69
N THR A 292 -1.67 0.48 -16.12
CA THR A 292 -2.73 1.34 -15.59
C THR A 292 -2.54 2.75 -16.11
N GLN A 293 -3.57 3.27 -16.78
CA GLN A 293 -3.51 4.56 -17.46
C GLN A 293 -4.41 5.63 -16.83
N PHE A 294 -3.85 6.82 -16.61
CA PHE A 294 -4.54 7.92 -15.92
C PHE A 294 -4.96 9.07 -16.84
N GLU A 295 -6.03 8.89 -17.58
CA GLU A 295 -6.39 9.89 -18.59
C GLU A 295 -6.76 11.20 -17.88
N THR A 296 -6.57 12.31 -18.59
CA THR A 296 -6.70 13.66 -17.99
C THR A 296 -8.14 14.00 -17.60
N SER A 297 -9.11 13.23 -18.08
CA SER A 297 -10.50 13.34 -17.58
C SER A 297 -10.52 12.99 -16.09
N GLY A 298 -9.56 12.18 -15.66
CA GLY A 298 -9.54 11.69 -14.27
C GLY A 298 -10.04 10.26 -14.19
N ALA A 299 -10.50 9.72 -15.31
CA ALA A 299 -10.89 8.32 -15.40
C ALA A 299 -9.63 7.43 -15.42
N ILE A 300 -9.79 6.15 -15.10
CA ILE A 300 -8.62 5.23 -15.11
C ILE A 300 -8.90 4.01 -16.01
N ASN A 301 -7.89 3.65 -16.78
CA ASN A 301 -8.05 2.55 -17.71
C ASN A 301 -6.96 1.53 -17.43
N ARG A 302 -7.21 0.27 -17.81
CA ARG A 302 -6.39 -0.83 -17.37
C ARG A 302 -6.35 -1.93 -18.41
N TYR A 303 -5.16 -2.43 -18.70
CA TYR A 303 -5.07 -3.67 -19.47
C TYR A 303 -3.95 -4.55 -18.88
N TYR A 304 -3.91 -5.80 -19.36
CA TYR A 304 -2.99 -6.81 -18.85
C TYR A 304 -2.33 -7.48 -20.03
N VAL A 305 -1.16 -8.05 -19.81
CA VAL A 305 -0.49 -8.82 -20.87
C VAL A 305 0.08 -10.08 -20.22
N GLN A 306 -0.20 -11.25 -20.81
CA GLN A 306 0.40 -12.51 -20.35
C GLN A 306 0.74 -13.37 -21.56
N ASN A 307 1.95 -13.91 -21.58
CA ASN A 307 2.50 -14.64 -22.75
C ASN A 307 2.14 -13.97 -24.10
N GLY A 308 2.35 -12.66 -24.18
CA GLY A 308 2.16 -11.93 -25.42
C GLY A 308 0.73 -11.64 -25.82
N VAL A 309 -0.24 -11.94 -24.94
CA VAL A 309 -1.65 -11.72 -25.25
C VAL A 309 -2.17 -10.57 -24.37
N THR A 310 -2.89 -9.65 -24.99
CA THR A 310 -3.33 -8.43 -24.33
C THR A 310 -4.83 -8.54 -24.00
N PHE A 311 -5.19 -8.23 -22.77
CA PHE A 311 -6.58 -8.22 -22.31
C PHE A 311 -6.92 -6.88 -21.66
N GLN A 312 -7.95 -6.19 -22.11
CA GLN A 312 -8.43 -5.02 -21.37
C GLN A 312 -9.06 -5.44 -20.04
N GLN A 313 -9.14 -4.52 -19.09
CA GLN A 313 -10.06 -4.69 -17.96
C GLN A 313 -11.36 -5.26 -18.54
N PRO A 314 -11.87 -6.37 -17.96
CA PRO A 314 -13.09 -6.99 -18.50
C PRO A 314 -14.30 -6.07 -18.36
N ASN A 315 -15.20 -6.09 -19.34
CA ASN A 315 -16.46 -5.36 -19.24
C ASN A 315 -17.28 -5.80 -18.04
N ALA A 316 -17.94 -4.82 -17.45
CA ALA A 316 -18.77 -5.02 -16.28
C ALA A 316 -20.05 -4.24 -16.50
N GLU A 317 -21.17 -4.79 -16.03
CA GLU A 317 -22.45 -4.11 -16.13
C GLU A 317 -22.97 -3.95 -14.70
N LEU A 318 -23.36 -2.73 -14.34
CA LEU A 318 -23.67 -2.45 -12.96
C LEU A 318 -24.63 -1.29 -12.87
N GLY A 319 -25.91 -1.59 -12.64
CA GLY A 319 -26.94 -0.56 -12.73
C GLY A 319 -27.00 -0.12 -14.19
N SER A 320 -26.83 1.18 -14.41
CA SER A 320 -26.83 1.72 -15.79
C SER A 320 -25.42 1.97 -16.30
N TYR A 321 -24.41 1.43 -15.61
CA TYR A 321 -23.05 1.56 -16.08
C TYR A 321 -22.76 0.32 -16.88
N SER A 322 -21.99 0.49 -17.96
CA SER A 322 -21.51 -0.60 -18.79
C SER A 322 -20.16 -0.18 -19.41
N GLY A 323 -19.17 -1.06 -19.36
CA GLY A 323 -17.81 -0.74 -19.88
C GLY A 323 -16.70 -1.28 -18.97
N ASN A 324 -15.47 -0.80 -19.19
CA ASN A 324 -14.30 -1.31 -18.51
C ASN A 324 -13.41 -0.20 -17.97
N GLU A 325 -13.84 1.04 -18.17
CA GLU A 325 -13.11 2.21 -17.69
C GLU A 325 -13.67 2.65 -16.34
N LEU A 326 -12.76 2.86 -15.38
CA LEU A 326 -13.14 3.31 -14.07
C LEU A 326 -13.35 4.82 -14.13
N ASN A 327 -14.60 5.21 -14.23
CA ASN A 327 -14.94 6.61 -14.44
C ASN A 327 -16.05 7.04 -13.46
N ASP A 328 -16.55 8.25 -13.58
CA ASP A 328 -17.56 8.78 -12.63
C ASP A 328 -18.82 7.93 -12.62
N ASP A 329 -19.25 7.54 -13.81
CA ASP A 329 -20.43 6.69 -13.96
C ASP A 329 -20.25 5.35 -13.20
N TYR A 330 -19.12 4.64 -13.42
CA TYR A 330 -18.88 3.42 -12.66
C TYR A 330 -19.01 3.65 -11.16
N CYS A 331 -18.27 4.63 -10.65
CA CYS A 331 -18.22 4.90 -9.21
C CYS A 331 -19.58 5.24 -8.62
N THR A 332 -20.37 6.01 -9.36
CA THR A 332 -21.72 6.39 -8.90
C THR A 332 -22.65 5.19 -8.93
N ALA A 333 -22.52 4.36 -9.96
CA ALA A 333 -23.32 3.14 -10.08
C ALA A 333 -22.91 2.12 -9.02
N GLU A 334 -21.64 2.13 -8.63
CA GLU A 334 -21.14 1.19 -7.61
C GLU A 334 -21.77 1.53 -6.28
N GLU A 335 -21.77 2.82 -5.93
CA GLU A 335 -22.40 3.26 -4.69
C GLU A 335 -23.91 2.93 -4.71
N ALA A 336 -24.52 3.06 -5.87
CA ALA A 336 -25.95 2.76 -6.04
C ALA A 336 -26.26 1.27 -5.86
N GLU A 337 -25.48 0.40 -6.51
CA GLU A 337 -25.75 -1.06 -6.48
C GLU A 337 -25.15 -1.79 -5.27
N PHE A 338 -23.99 -1.34 -4.81
CA PHE A 338 -23.31 -1.94 -3.65
C PHE A 338 -23.55 -1.19 -2.33
N GLY A 339 -23.94 0.07 -2.40
CA GLY A 339 -24.15 0.86 -1.19
C GLY A 339 -22.98 1.76 -0.85
N GLY A 340 -23.22 2.70 0.05
CA GLY A 340 -22.16 3.57 0.55
C GLY A 340 -22.11 4.89 -0.17
N SER A 341 -21.68 5.92 0.54
CA SER A 341 -21.51 7.26 -0.03
C SER A 341 -20.15 7.89 0.32
N SER A 342 -19.21 7.08 0.80
CA SER A 342 -17.89 7.60 1.21
C SER A 342 -17.08 8.18 0.04
N PHE A 343 -17.10 7.50 -1.11
CA PHE A 343 -16.32 7.98 -2.28
C PHE A 343 -16.81 9.33 -2.78
N SER A 344 -18.11 9.42 -3.06
CA SER A 344 -18.73 10.67 -3.48
C SER A 344 -18.68 11.78 -2.41
N ASP A 345 -18.74 11.41 -1.13
CA ASP A 345 -18.65 12.38 -0.01
C ASP A 345 -17.32 13.13 -0.02
N LYS A 346 -16.24 12.38 -0.27
CA LYS A 346 -14.90 12.96 -0.33
C LYS A 346 -14.54 13.49 -1.72
N GLY A 347 -15.53 13.62 -2.60
CA GLY A 347 -15.32 14.34 -3.87
C GLY A 347 -15.13 13.52 -5.13
N GLY A 348 -15.13 12.19 -5.03
CA GLY A 348 -15.03 11.34 -6.22
C GLY A 348 -13.71 11.44 -6.98
N LEU A 349 -13.73 11.10 -8.27
CA LEU A 349 -12.54 11.16 -9.15
C LEU A 349 -12.00 12.58 -9.38
N THR A 350 -12.87 13.58 -9.19
CA THR A 350 -12.49 14.99 -9.28
C THR A 350 -11.51 15.38 -8.19
N GLN A 351 -11.87 15.07 -6.93
CA GLN A 351 -11.00 15.32 -5.81
C GLN A 351 -9.73 14.49 -5.98
N PHE A 352 -9.90 13.27 -6.50
CA PHE A 352 -8.79 12.36 -6.62
C PHE A 352 -7.79 12.79 -7.68
N LYS A 353 -8.29 13.44 -8.73
CA LYS A 353 -7.45 13.98 -9.80
C LYS A 353 -6.43 14.97 -9.22
N LYS A 354 -6.78 15.68 -8.15
CA LYS A 354 -5.86 16.60 -7.51
C LYS A 354 -4.61 15.88 -6.98
N ALA A 355 -4.74 14.61 -6.62
CA ALA A 355 -3.57 13.83 -6.14
C ALA A 355 -2.69 13.33 -7.28
N THR A 356 -3.32 12.80 -8.32
CA THR A 356 -2.61 12.36 -9.52
C THR A 356 -1.95 13.50 -10.33
N SER A 357 -2.52 14.71 -10.16
CA SER A 357 -1.95 15.94 -10.75
CA SER A 357 -1.94 15.93 -10.76
C SER A 357 -0.71 16.39 -9.98
N GLY A 358 -0.63 16.00 -8.71
CA GLY A 358 0.53 16.32 -7.85
C GLY A 358 1.48 15.14 -7.81
N GLY A 359 2.47 15.16 -6.94
CA GLY A 359 3.42 14.04 -6.82
C GLY A 359 2.93 12.99 -5.85
N MET A 360 3.23 11.71 -6.13
CA MET A 360 2.88 10.60 -5.25
C MET A 360 4.07 9.65 -5.19
N VAL A 361 4.24 9.02 -4.02
CA VAL A 361 5.33 8.06 -3.78
C VAL A 361 4.87 6.62 -4.07
N LEU A 362 5.71 5.85 -4.76
CA LEU A 362 5.43 4.44 -5.01
C LEU A 362 5.71 3.57 -3.79
N VAL A 363 4.72 2.77 -3.40
CA VAL A 363 4.81 1.84 -2.27
C VAL A 363 4.67 0.40 -2.81
N MET A 364 5.48 -0.49 -2.25
CA MET A 364 5.35 -1.93 -2.48
C MET A 364 5.42 -2.66 -1.14
N SER A 365 4.39 -3.45 -0.87
CA SER A 365 4.23 -4.05 0.45
C SER A 365 3.75 -5.49 0.36
N LEU A 366 4.01 -6.25 1.43
CA LEU A 366 3.42 -7.57 1.57
C LEU A 366 2.88 -7.67 2.98
N TRP A 367 1.60 -8.01 3.10
CA TRP A 367 0.93 -8.03 4.40
C TRP A 367 -0.21 -9.02 4.59
N ASP A 368 -0.45 -9.43 5.85
CA ASP A 368 -1.73 -10.05 6.19
C ASP A 368 -2.54 -9.04 6.99
N ASP A 369 -3.80 -9.33 7.20
CA ASP A 369 -4.76 -8.33 7.68
C ASP A 369 -5.26 -8.68 9.10
N TYR A 370 -4.70 -8.03 10.12
CA TYR A 370 -5.07 -8.31 11.51
C TYR A 370 -6.48 -7.74 11.84
N TYR A 371 -7.06 -7.00 10.90
CA TYR A 371 -8.38 -6.38 11.13
C TYR A 371 -9.60 -7.08 10.52
N ALA A 372 -9.44 -7.66 9.33
CA ALA A 372 -10.55 -8.28 8.61
C ALA A 372 -10.10 -9.48 7.77
N ASN A 373 -8.90 -9.98 8.05
CA ASN A 373 -8.37 -11.21 7.42
C ASN A 373 -8.43 -11.25 5.91
N MET A 374 -8.40 -10.06 5.30
CA MET A 374 -8.35 -9.85 3.84
C MET A 374 -9.58 -10.35 3.12
N LEU A 375 -10.64 -10.58 3.88
CA LEU A 375 -11.92 -11.06 3.34
C LEU A 375 -12.57 -10.09 2.35
N TRP A 376 -12.35 -8.80 2.57
CA TRP A 376 -12.88 -7.75 1.70
C TRP A 376 -12.28 -7.83 0.29
N LEU A 377 -11.11 -8.49 0.18
CA LEU A 377 -10.43 -8.65 -1.09
C LEU A 377 -10.74 -9.97 -1.81
N ASP A 378 -10.75 -11.09 -1.09
CA ASP A 378 -10.73 -12.41 -1.74
C ASP A 378 -11.83 -13.40 -1.29
N SER A 379 -12.83 -12.91 -0.55
CA SER A 379 -13.81 -13.80 0.06
C SER A 379 -15.18 -13.12 0.00
N THR A 380 -16.04 -13.44 0.97
CA THR A 380 -17.40 -12.86 1.05
C THR A 380 -17.50 -11.98 2.29
N TYR A 381 -17.87 -10.71 2.10
CA TYR A 381 -17.70 -9.69 3.14
C TYR A 381 -18.86 -8.68 3.07
N PRO A 382 -19.51 -8.41 4.20
CA PRO A 382 -19.34 -9.16 5.47
C PRO A 382 -19.69 -10.65 5.33
N THR A 383 -19.22 -11.47 6.28
CA THR A 383 -19.28 -12.92 6.16
C THR A 383 -20.67 -13.55 6.31
N ASN A 384 -21.60 -12.79 6.91
CA ASN A 384 -22.97 -13.23 7.06
C ASN A 384 -23.79 -13.10 5.77
N GLU A 385 -23.21 -12.43 4.76
CA GLU A 385 -23.91 -12.18 3.52
C GLU A 385 -23.77 -13.36 2.58
N THR A 386 -24.57 -13.37 1.52
CA THR A 386 -24.57 -14.45 0.56
C THR A 386 -24.29 -13.87 -0.82
N SER A 387 -24.17 -14.76 -1.80
CA SER A 387 -24.05 -14.37 -3.20
C SER A 387 -25.23 -13.52 -3.69
N SER A 388 -26.31 -13.45 -2.89
CA SER A 388 -27.51 -12.69 -3.31
C SER A 388 -27.47 -11.22 -2.89
N THR A 389 -26.51 -10.86 -2.05
CA THR A 389 -26.26 -9.46 -1.75
C THR A 389 -25.31 -8.92 -2.83
N PRO A 390 -25.71 -7.82 -3.50
CA PRO A 390 -24.83 -7.32 -4.56
C PRO A 390 -23.47 -6.85 -4.02
N GLY A 391 -22.41 -7.39 -4.62
CA GLY A 391 -21.07 -7.02 -4.26
C GLY A 391 -20.50 -7.70 -3.02
N ALA A 392 -21.24 -8.64 -2.44
CA ALA A 392 -20.74 -9.30 -1.22
C ALA A 392 -19.55 -10.22 -1.53
N VAL A 393 -19.61 -10.96 -2.62
CA VAL A 393 -18.58 -11.96 -2.95
C VAL A 393 -17.47 -11.33 -3.77
N ARG A 394 -16.23 -11.34 -3.26
CA ARG A 394 -15.15 -10.67 -3.97
C ARG A 394 -14.09 -11.65 -4.45
N GLY A 395 -14.14 -12.87 -3.96
CA GLY A 395 -13.23 -13.94 -4.40
C GLY A 395 -13.74 -15.30 -3.98
N SER A 396 -12.96 -16.34 -4.24
CA SER A 396 -13.40 -17.68 -3.96
C SER A 396 -12.91 -18.23 -2.62
N CYS A 397 -12.16 -17.44 -1.85
CA CYS A 397 -11.60 -17.91 -0.56
C CYS A 397 -12.69 -18.07 0.50
N SER A 398 -12.55 -19.09 1.34
CA SER A 398 -13.48 -19.30 2.44
C SER A 398 -13.61 -18.09 3.33
N THR A 399 -14.78 -17.87 3.91
CA THR A 399 -14.93 -16.80 4.89
C THR A 399 -14.14 -17.09 6.18
N SER A 400 -13.58 -18.30 6.27
CA SER A 400 -12.73 -18.72 7.39
C SER A 400 -11.24 -18.43 7.16
N SER A 401 -10.92 -17.88 5.99
CA SER A 401 -9.51 -17.71 5.57
C SER A 401 -8.83 -16.45 6.15
N GLY A 402 -7.49 -16.46 6.04
CA GLY A 402 -6.64 -15.31 6.40
C GLY A 402 -6.50 -14.94 7.86
N VAL A 403 -6.73 -15.89 8.79
CA VAL A 403 -6.38 -15.59 10.19
C VAL A 403 -4.86 -15.40 10.22
N PRO A 404 -4.39 -14.23 10.67
CA PRO A 404 -2.95 -13.98 10.50
C PRO A 404 -2.05 -15.07 11.10
N ALA A 405 -2.34 -15.47 12.35
CA ALA A 405 -1.56 -16.52 13.04
C ALA A 405 -1.56 -17.79 12.22
N GLN A 406 -2.69 -18.13 11.60
CA GLN A 406 -2.79 -19.34 10.80
C GLN A 406 -1.93 -19.25 9.55
N VAL A 407 -2.13 -18.19 8.76
CA VAL A 407 -1.42 -18.11 7.49
C VAL A 407 0.09 -17.90 7.70
N GLU A 408 0.49 -17.17 8.75
CA GLU A 408 1.91 -17.04 9.12
C GLU A 408 2.55 -18.40 9.47
N SER A 409 1.81 -19.23 10.19
CA SER A 409 2.30 -20.55 10.55
C SER A 409 2.30 -21.54 9.36
N GLN A 410 1.28 -21.47 8.50
CA GLN A 410 1.14 -22.43 7.39
C GLN A 410 1.87 -22.03 6.12
N SER A 411 1.96 -20.72 5.87
CA SER A 411 2.50 -20.20 4.62
C SER A 411 3.62 -19.18 4.84
N PRO A 412 4.58 -19.50 5.74
CA PRO A 412 5.70 -18.60 6.01
C PRO A 412 6.54 -18.27 4.76
N ASN A 413 6.58 -19.18 3.78
CA ASN A 413 7.40 -18.98 2.61
C ASN A 413 6.67 -18.24 1.48
N ALA A 414 5.42 -17.84 1.72
CA ALA A 414 4.72 -16.97 0.77
C ALA A 414 5.59 -15.76 0.44
N LYS A 415 5.46 -15.24 -0.77
CA LYS A 415 6.25 -14.11 -1.19
C LYS A 415 5.64 -13.47 -2.42
N VAL A 416 6.00 -12.23 -2.69
CA VAL A 416 5.62 -11.53 -3.92
C VAL A 416 6.89 -11.06 -4.62
N THR A 417 6.86 -11.06 -5.95
CA THR A 417 7.91 -10.45 -6.75
C THR A 417 7.32 -9.43 -7.73
N PHE A 418 7.69 -8.15 -7.55
CA PHE A 418 7.41 -7.11 -8.53
C PHE A 418 8.65 -6.91 -9.39
N SER A 419 8.46 -6.70 -10.70
CA SER A 419 9.60 -6.46 -11.56
C SER A 419 9.23 -5.61 -12.77
N ASN A 420 10.26 -5.09 -13.44
CA ASN A 420 10.13 -4.38 -14.71
C ASN A 420 9.13 -3.22 -14.68
N ILE A 421 9.28 -2.37 -13.68
CA ILE A 421 8.49 -1.14 -13.58
C ILE A 421 8.79 -0.21 -14.75
N LYS A 422 7.75 0.26 -15.41
CA LYS A 422 7.95 1.19 -16.54
C LYS A 422 6.94 2.33 -16.38
N PHE A 423 7.43 3.56 -16.46
CA PHE A 423 6.56 4.76 -16.29
C PHE A 423 6.74 5.77 -17.42
N GLY A 424 5.63 6.28 -17.96
CA GLY A 424 5.73 7.40 -18.90
C GLY A 424 4.37 7.83 -19.39
N PRO A 425 4.33 8.65 -20.48
CA PRO A 425 3.06 9.03 -21.09
C PRO A 425 2.24 7.83 -21.53
N ILE A 426 0.93 7.95 -21.38
CA ILE A 426 0.00 6.95 -21.94
C ILE A 426 0.45 6.55 -23.36
N GLY A 427 0.45 5.26 -23.64
CA GLY A 427 0.86 4.74 -24.93
C GLY A 427 2.34 4.33 -24.98
N SER A 428 3.14 4.83 -24.06
CA SER A 428 4.60 4.72 -24.16
C SER A 428 5.29 3.46 -23.63
N THR A 429 4.72 2.79 -22.61
CA THR A 429 5.48 1.82 -21.80
C THR A 429 5.69 0.42 -22.42
N GLY A 430 4.95 0.13 -23.50
CA GLY A 430 5.09 -1.13 -24.23
C GLY A 430 6.21 -1.07 -25.25
N ASN A 431 6.91 0.07 -25.31
CA ASN A 431 8.06 0.22 -26.21
C ASN A 431 9.32 -0.38 -25.58
N PRO A 432 10.33 -0.73 -26.42
CA PRO A 432 11.44 -1.53 -25.88
C PRO A 432 12.23 -0.79 -24.80
N SER A 433 12.55 -1.50 -23.72
CA SER A 433 13.30 -0.93 -22.59
C SER A 433 14.73 -0.59 -23.00
N GLY A 434 15.25 0.51 -22.42
CA GLY A 434 16.61 0.98 -22.71
C GLY A 434 17.69 0.12 -22.06
O1 XYP B . 0.28 -2.31 10.20
C1 XYP B . 1.63 -2.84 10.12
C2 XYP B . 2.42 -2.25 11.27
C3 XYP B . 3.82 -2.83 11.31
C4 XYP B . 3.80 -4.35 11.33
C5 XYP B . 2.90 -4.90 10.22
O2 XYP B . 2.53 -0.85 11.07
O3 XYP B . 4.51 -2.30 12.46
O4 XYP B . 5.10 -4.85 11.04
O5 XYP B . 1.61 -4.28 10.22
C1 XYP B . 5.93 -5.11 12.17
C2 XYP B . 6.97 -6.15 11.75
C3 XYP B . 7.87 -6.44 12.94
C4 XYP B . 8.53 -5.14 13.44
C5 XYP B . 7.44 -4.09 13.68
O2 XYP B . 6.30 -7.35 11.34
O3 XYP B . 8.84 -7.43 12.56
O4 XYP B . 9.18 -5.40 14.68
O5 XYP B . 6.63 -3.91 12.52
C1 XYP B . 10.51 -4.91 14.76
C2 XYP B . 10.84 -4.67 16.22
C3 XYP B . 12.27 -4.19 16.30
C4 XYP B . 13.15 -5.31 15.77
C5 XYP B . 12.80 -5.57 14.29
O2 XYP B . 9.96 -3.68 16.76
O3 XYP B . 12.67 -3.81 17.64
O4 XYP B . 14.46 -4.82 15.85
O5 XYP B . 11.41 -5.87 14.16
C1 XYP B . 15.30 -5.49 16.76
C2 XYP B . 16.71 -5.27 16.21
C3 XYP B . 17.73 -5.94 17.15
C4 XYP B . 17.54 -5.41 18.58
C5 XYP B . 16.07 -5.60 19.01
O2 XYP B . 16.72 -5.83 14.89
O3 XYP B . 19.07 -5.67 16.71
O4 XYP B . 18.43 -6.04 19.50
O5 XYP B . 15.21 -4.92 18.08
CO CO C . -2.62 15.75 19.19
CO CO D . -11.62 7.65 -21.35
C1 NAG E . -14.19 -12.41 -18.42
C2 NAG E . -15.13 -13.10 -19.44
C3 NAG E . -14.42 -13.55 -20.73
C4 NAG E . -13.58 -12.44 -21.30
C5 NAG E . -12.63 -11.93 -20.21
C6 NAG E . -11.75 -10.80 -20.73
C7 NAG E . -17.14 -14.29 -18.82
C8 NAG E . -17.74 -15.51 -18.17
N2 NAG E . -15.81 -14.22 -18.83
O3 NAG E . -15.36 -13.98 -21.70
O4 NAG E . -12.85 -12.87 -22.44
O5 NAG E . -13.40 -11.46 -19.10
O6 NAG E . -12.58 -9.76 -21.21
O7 NAG E . -17.87 -13.43 -19.32
#